data_1MQ0
#
_entry.id   1MQ0
#
_cell.length_a   52.398
_cell.length_b   55.680
_cell.length_c   90.689
_cell.angle_alpha   90.00
_cell.angle_beta   90.00
_cell.angle_gamma   90.00
#
_symmetry.space_group_name_H-M   'P 21 21 2'
#
loop_
_entity.id
_entity.type
_entity.pdbx_description
1 polymer 'Cytidine Deaminase'
2 non-polymer 'ZINC ION'
3 non-polymer 1-BETA-RIBOFURANOSYL-1,3-DIAZEPINONE
4 water water
#
_entity_poly.entity_id   1
_entity_poly.type   'polypeptide(L)'
_entity_poly.pdbx_seq_one_letter_code
;GSHMKPECVQQLLVCSQEAKQSAYCPYSHFPVGAALLTQEGRIFKGCNIENACYPLGICAERTAIQKAVSEGYKDFRAIA
IASDMQDDFISPCGACRQVMREFGTNWPVYMTKPDGTYIVMTVQELLPSSFGPEDLQKTQ
;
_entity_poly.pdbx_strand_id   A,B
#
loop_
_chem_comp.id
_chem_comp.type
_chem_comp.name
_chem_comp.formula
BRD non-polymer 1-BETA-RIBOFURANOSYL-1,3-DIAZEPINONE 'C10 H16 N2 O5'
ZN non-polymer 'ZINC ION' 'Zn 2'
#
# COMPACT_ATOMS: atom_id res chain seq x y z
N GLU A 7 16.42 -18.66 20.40
CA GLU A 7 17.01 -18.95 19.06
C GLU A 7 16.79 -20.40 18.66
N CYS A 8 15.85 -20.63 17.76
CA CYS A 8 15.57 -21.98 17.32
C CYS A 8 14.38 -22.01 16.40
N VAL A 9 14.42 -22.89 15.41
CA VAL A 9 13.34 -23.00 14.44
C VAL A 9 11.95 -23.17 15.07
N GLN A 10 11.78 -24.22 15.87
CA GLN A 10 10.48 -24.47 16.48
C GLN A 10 9.87 -23.18 17.05
N GLN A 11 10.65 -22.43 17.82
CA GLN A 11 10.17 -21.18 18.39
C GLN A 11 9.58 -20.27 17.32
N LEU A 12 10.28 -20.14 16.20
CA LEU A 12 9.81 -19.28 15.11
C LEU A 12 8.56 -19.81 14.42
N LEU A 13 8.44 -21.13 14.34
CA LEU A 13 7.26 -21.72 13.71
C LEU A 13 5.99 -21.45 14.53
N VAL A 14 6.04 -21.70 15.83
CA VAL A 14 4.88 -21.47 16.68
C VAL A 14 4.64 -19.98 16.92
N CYS A 15 5.71 -19.21 17.12
CA CYS A 15 5.57 -17.78 17.35
C CYS A 15 4.99 -17.03 16.14
N SER A 16 5.38 -17.43 14.93
CA SER A 16 4.84 -16.77 13.75
C SER A 16 3.39 -17.23 13.56
N GLN A 17 3.08 -18.41 14.08
CA GLN A 17 1.74 -18.95 13.98
C GLN A 17 0.79 -18.21 14.92
N GLU A 18 1.28 -17.86 16.10
CA GLU A 18 0.46 -17.13 17.06
C GLU A 18 0.26 -15.71 16.51
N ALA A 19 1.34 -15.11 16.03
CA ALA A 19 1.30 -13.77 15.47
C ALA A 19 0.16 -13.64 14.47
N LYS A 20 -0.03 -14.69 13.67
CA LYS A 20 -1.08 -14.69 12.65
C LYS A 20 -2.49 -14.52 13.24
N GLN A 21 -2.65 -14.87 14.52
CA GLN A 21 -3.93 -14.77 15.18
C GLN A 21 -4.45 -13.34 15.36
N SER A 22 -3.53 -12.38 15.45
CA SER A 22 -3.90 -10.97 15.65
C SER A 22 -4.12 -10.27 14.33
N ALA A 23 -3.93 -10.99 13.25
CA ALA A 23 -4.10 -10.43 11.92
C ALA A 23 -5.40 -9.65 11.81
N TYR A 24 -5.31 -8.46 11.24
CA TYR A 24 -6.48 -7.62 11.03
C TYR A 24 -6.57 -7.61 9.51
N CYS A 25 -7.36 -8.54 8.97
CA CYS A 25 -7.50 -8.70 7.53
C CYS A 25 -8.93 -8.92 7.07
N PRO A 26 -9.87 -8.05 7.49
CA PRO A 26 -11.25 -8.24 7.07
C PRO A 26 -11.49 -8.13 5.56
N TYR A 27 -10.51 -7.60 4.83
CA TYR A 27 -10.68 -7.45 3.39
C TYR A 27 -10.21 -8.63 2.57
N SER A 28 -9.01 -9.11 2.85
CA SER A 28 -8.47 -10.25 2.10
C SER A 28 -8.88 -11.56 2.76
N HIS A 29 -9.06 -11.53 4.08
CA HIS A 29 -9.40 -12.73 4.81
C HIS A 29 -8.22 -13.68 4.67
N PHE A 30 -7.06 -13.09 4.41
CA PHE A 30 -5.82 -13.83 4.24
C PHE A 30 -4.88 -13.46 5.39
N PRO A 31 -4.97 -14.16 6.53
CA PRO A 31 -4.14 -13.91 7.71
C PRO A 31 -2.66 -14.27 7.48
N VAL A 32 -1.76 -13.47 8.03
CA VAL A 32 -0.33 -13.75 7.89
C VAL A 32 0.37 -13.38 9.19
N GLY A 33 1.30 -14.22 9.62
CA GLY A 33 2.03 -13.93 10.84
C GLY A 33 3.51 -13.93 10.60
N ALA A 34 4.24 -13.19 11.43
CA ALA A 34 5.69 -13.11 11.31
C ALA A 34 6.35 -13.14 12.68
N ALA A 35 7.49 -13.83 12.75
CA ALA A 35 8.25 -13.92 13.98
C ALA A 35 9.71 -13.58 13.66
N LEU A 36 10.14 -12.40 14.09
CA LEU A 36 11.49 -11.93 13.84
C LEU A 36 12.39 -12.22 15.03
N LEU A 37 13.43 -13.00 14.82
CA LEU A 37 14.36 -13.34 15.88
C LEU A 37 15.55 -12.40 15.82
N THR A 38 15.80 -11.65 16.88
CA THR A 38 16.94 -10.74 16.91
C THR A 38 18.18 -11.50 17.36
N GLN A 39 19.36 -10.89 17.22
CA GLN A 39 20.59 -11.55 17.64
C GLN A 39 20.44 -11.89 19.12
N GLU A 40 20.09 -10.87 19.91
CA GLU A 40 19.92 -11.03 21.35
C GLU A 40 19.15 -12.27 21.71
N GLY A 41 18.24 -12.69 20.85
CA GLY A 41 17.44 -13.87 21.12
C GLY A 41 15.97 -13.53 21.34
N ARG A 42 15.66 -12.24 21.30
CA ARG A 42 14.30 -11.79 21.49
C ARG A 42 13.53 -11.97 20.19
N ILE A 43 12.26 -12.33 20.29
CA ILE A 43 11.42 -12.54 19.12
C ILE A 43 10.33 -11.47 19.03
N PHE A 44 10.06 -11.00 17.82
CA PHE A 44 9.02 -9.99 17.62
C PHE A 44 7.96 -10.55 16.67
N LYS A 45 6.72 -10.57 17.13
CA LYS A 45 5.63 -11.07 16.31
C LYS A 45 4.99 -9.92 15.53
N GLY A 46 4.47 -10.26 14.36
CA GLY A 46 3.83 -9.26 13.52
C GLY A 46 2.74 -9.94 12.71
N CYS A 47 1.79 -9.15 12.23
CA CYS A 47 0.72 -9.70 11.43
C CYS A 47 0.37 -8.69 10.34
N ASN A 48 -0.45 -9.09 9.38
CA ASN A 48 -0.85 -8.14 8.35
C ASN A 48 -1.98 -7.29 8.95
N ILE A 49 -1.96 -6.01 8.61
CA ILE A 49 -2.94 -5.07 9.11
C ILE A 49 -3.46 -4.25 7.94
N GLU A 50 -4.63 -4.64 7.46
CA GLU A 50 -5.20 -4.00 6.29
C GLU A 50 -5.92 -2.68 6.56
N ASN A 51 -6.25 -2.00 5.47
CA ASN A 51 -6.94 -0.74 5.55
C ASN A 51 -8.03 -0.71 4.47
N ALA A 52 -9.11 0.03 4.71
CA ALA A 52 -10.21 0.15 3.77
C ALA A 52 -9.64 0.51 2.42
N CYS A 53 -8.56 1.30 2.44
CA CYS A 53 -7.87 1.69 1.22
C CYS A 53 -6.72 0.70 1.12
N TYR A 54 -6.94 -0.39 0.38
CA TYR A 54 -5.95 -1.45 0.22
C TYR A 54 -4.50 -1.01 0.20
N PRO A 55 -4.14 -0.01 -0.61
CA PRO A 55 -2.75 0.43 -0.66
C PRO A 55 -2.12 0.80 0.70
N LEU A 56 -2.95 1.13 1.69
CA LEU A 56 -2.45 1.51 3.01
C LEU A 56 -2.35 0.40 4.06
N GLY A 57 -2.55 -0.84 3.64
CA GLY A 57 -2.40 -1.94 4.59
C GLY A 57 -0.91 -2.09 4.85
N ILE A 58 -0.53 -3.17 5.50
CA ILE A 58 0.88 -3.42 5.78
C ILE A 58 1.02 -4.90 6.03
N CYS A 59 2.15 -5.46 5.63
CA CYS A 59 2.39 -6.89 5.79
C CYS A 59 2.87 -7.32 7.17
N ALA A 60 2.75 -8.62 7.45
CA ALA A 60 3.16 -9.19 8.73
C ALA A 60 4.64 -9.01 9.00
N GLU A 61 5.46 -9.20 7.97
CA GLU A 61 6.90 -9.06 8.11
C GLU A 61 7.31 -7.62 8.45
N ARG A 62 6.72 -6.64 7.77
CA ARG A 62 7.06 -5.25 8.03
C ARG A 62 6.56 -4.89 9.42
N THR A 63 5.36 -5.35 9.78
CA THR A 63 4.82 -5.04 11.11
C THR A 63 5.80 -5.53 12.16
N ALA A 64 6.30 -6.75 11.97
CA ALA A 64 7.25 -7.36 12.90
C ALA A 64 8.59 -6.61 12.94
N ILE A 65 9.16 -6.36 11.77
CA ILE A 65 10.43 -5.64 11.67
C ILE A 65 10.35 -4.24 12.29
N GLN A 66 9.30 -3.49 11.94
CA GLN A 66 9.08 -2.14 12.44
C GLN A 66 8.95 -2.15 13.96
N LYS A 67 8.25 -3.14 14.47
CA LYS A 67 8.10 -3.25 15.90
C LYS A 67 9.52 -3.34 16.47
N ALA A 68 10.28 -4.34 16.01
CA ALA A 68 11.66 -4.53 16.47
C ALA A 68 12.49 -3.24 16.41
N VAL A 69 12.69 -2.68 15.21
CA VAL A 69 13.46 -1.46 15.06
C VAL A 69 13.06 -0.34 16.03
N SER A 70 11.76 -0.09 16.12
CA SER A 70 11.25 0.95 17.01
C SER A 70 11.66 0.64 18.46
N GLU A 71 12.01 -0.62 18.69
CA GLU A 71 12.41 -1.06 20.02
C GLU A 71 13.95 -1.12 20.16
N GLY A 72 14.65 -0.64 19.14
CA GLY A 72 16.10 -0.63 19.19
C GLY A 72 16.88 -1.74 18.50
N TYR A 73 16.19 -2.76 17.99
CA TYR A 73 16.85 -3.89 17.35
C TYR A 73 16.92 -3.76 15.82
N LYS A 74 18.13 -3.74 15.28
CA LYS A 74 18.32 -3.64 13.84
C LYS A 74 19.21 -4.76 13.30
N ASP A 75 19.42 -5.78 14.14
CA ASP A 75 20.26 -6.94 13.83
C ASP A 75 19.50 -7.99 13.02
N PHE A 76 18.81 -8.89 13.72
CA PHE A 76 17.99 -9.97 13.14
C PHE A 76 18.76 -11.21 12.71
N ARG A 77 18.40 -12.33 13.34
CA ARG A 77 19.03 -13.60 13.05
C ARG A 77 18.20 -14.43 12.10
N ALA A 78 16.91 -14.11 12.01
CA ALA A 78 16.00 -14.83 11.13
C ALA A 78 14.57 -14.36 11.29
N ILE A 79 13.71 -14.76 10.37
CA ILE A 79 12.30 -14.41 10.44
C ILE A 79 11.50 -15.52 9.77
N ALA A 80 10.39 -15.88 10.40
CA ALA A 80 9.53 -16.92 9.85
C ALA A 80 8.16 -16.32 9.52
N ILE A 81 7.62 -16.72 8.38
CA ILE A 81 6.32 -16.26 7.92
C ILE A 81 5.31 -17.42 7.98
N ALA A 82 4.05 -17.11 8.24
CA ALA A 82 3.02 -18.13 8.33
C ALA A 82 1.72 -17.65 7.72
N SER A 83 0.93 -18.56 7.19
CA SER A 83 -0.36 -18.23 6.59
C SER A 83 -1.31 -19.42 6.75
N ASP A 84 -2.58 -19.24 6.41
CA ASP A 84 -3.54 -20.33 6.50
C ASP A 84 -3.46 -21.17 5.23
N MET A 85 -2.46 -20.87 4.41
CA MET A 85 -2.23 -21.54 3.15
C MET A 85 -1.58 -22.92 3.37
N GLN A 86 -2.35 -23.99 3.14
CA GLN A 86 -1.85 -25.34 3.32
C GLN A 86 -1.05 -25.89 2.15
N ASP A 87 -1.19 -25.27 0.99
CA ASP A 87 -0.45 -25.72 -0.20
C ASP A 87 0.59 -24.71 -0.67
N ASP A 88 1.81 -24.86 -0.16
CA ASP A 88 2.87 -23.93 -0.54
C ASP A 88 3.24 -23.10 0.67
N PHE A 89 4.48 -22.65 0.73
CA PHE A 89 4.94 -21.82 1.84
C PHE A 89 4.75 -20.36 1.49
N ILE A 90 4.32 -19.53 2.46
CA ILE A 90 4.15 -18.10 2.16
C ILE A 90 5.53 -17.47 1.98
N SER A 91 5.72 -16.85 0.82
CA SER A 91 6.96 -16.15 0.56
C SER A 91 6.64 -14.67 0.74
N PRO A 92 7.62 -13.87 1.18
CA PRO A 92 7.42 -12.44 1.39
C PRO A 92 7.29 -11.69 0.07
N CYS A 93 6.53 -10.61 0.08
CA CYS A 93 6.36 -9.82 -1.12
C CYS A 93 7.64 -9.02 -1.33
N GLY A 94 7.86 -8.58 -2.57
CA GLY A 94 9.05 -7.82 -2.88
C GLY A 94 9.30 -6.65 -1.94
N ALA A 95 8.23 -5.97 -1.53
CA ALA A 95 8.37 -4.84 -0.61
C ALA A 95 8.98 -5.27 0.70
N CYS A 96 8.51 -6.38 1.24
CA CYS A 96 9.05 -6.89 2.49
C CYS A 96 10.50 -7.29 2.36
N ARG A 97 10.84 -7.92 1.25
CA ARG A 97 12.22 -8.31 1.01
C ARG A 97 13.07 -7.06 1.01
N GLN A 98 12.53 -5.99 0.43
CA GLN A 98 13.25 -4.73 0.34
C GLN A 98 13.47 -4.12 1.72
N VAL A 99 12.49 -4.21 2.60
CA VAL A 99 12.66 -3.67 3.96
C VAL A 99 13.62 -4.59 4.70
N MET A 100 13.53 -5.89 4.46
CA MET A 100 14.43 -6.85 5.08
C MET A 100 15.87 -6.51 4.72
N ARG A 101 16.11 -6.31 3.42
CA ARG A 101 17.44 -5.96 2.91
C ARG A 101 18.03 -4.71 3.57
N GLU A 102 17.19 -3.73 3.88
CA GLU A 102 17.67 -2.50 4.50
C GLU A 102 18.44 -2.80 5.80
N PHE A 103 18.21 -3.97 6.37
CA PHE A 103 18.86 -4.36 7.62
C PHE A 103 19.70 -5.63 7.53
N GLY A 104 20.24 -5.90 6.35
CA GLY A 104 21.05 -7.09 6.16
C GLY A 104 20.59 -7.84 4.93
N THR A 105 21.48 -8.59 4.29
CA THR A 105 21.12 -9.32 3.08
C THR A 105 21.42 -10.81 3.17
N ASN A 106 22.08 -11.22 4.24
CA ASN A 106 22.43 -12.63 4.41
C ASN A 106 21.47 -13.48 5.25
N TRP A 107 20.92 -12.92 6.32
CA TRP A 107 20.02 -13.67 7.19
C TRP A 107 18.90 -14.45 6.50
N PRO A 108 18.44 -15.55 7.14
CA PRO A 108 17.38 -16.46 6.66
C PRO A 108 15.93 -16.02 6.84
N VAL A 109 15.10 -16.45 5.90
CA VAL A 109 13.67 -16.17 5.89
C VAL A 109 12.98 -17.54 5.81
N TYR A 110 12.28 -17.92 6.88
CA TYR A 110 11.60 -19.19 6.91
C TYR A 110 10.18 -19.11 6.37
N MET A 111 10.01 -19.59 5.14
CA MET A 111 8.71 -19.60 4.49
C MET A 111 8.10 -20.93 4.91
N THR A 112 6.99 -20.87 5.64
CA THR A 112 6.37 -22.08 6.17
C THR A 112 4.99 -22.51 5.65
N LYS A 113 4.52 -23.60 6.24
CA LYS A 113 3.21 -24.19 5.96
C LYS A 113 2.61 -24.52 7.32
N PRO A 114 1.27 -24.49 7.45
CA PRO A 114 0.63 -24.80 8.75
C PRO A 114 1.06 -26.19 9.21
N ASP A 115 1.63 -26.92 8.25
CA ASP A 115 2.13 -28.27 8.43
C ASP A 115 3.36 -28.31 9.33
N GLY A 116 4.05 -27.19 9.44
CA GLY A 116 5.24 -27.14 10.25
C GLY A 116 6.43 -27.28 9.33
N THR A 117 6.15 -27.71 8.11
CA THR A 117 7.18 -27.89 7.10
C THR A 117 7.59 -26.53 6.51
N TYR A 118 8.84 -26.42 6.07
CA TYR A 118 9.29 -25.16 5.51
C TYR A 118 10.45 -25.23 4.54
N ILE A 119 10.70 -24.10 3.91
CA ILE A 119 11.77 -23.93 2.95
C ILE A 119 12.44 -22.64 3.43
N VAL A 120 13.76 -22.54 3.26
CA VAL A 120 14.46 -21.35 3.71
C VAL A 120 15.35 -20.74 2.64
N MET A 121 15.32 -19.41 2.54
CA MET A 121 16.13 -18.68 1.56
C MET A 121 16.61 -17.40 2.22
N THR A 122 17.84 -17.02 1.93
CA THR A 122 18.41 -15.81 2.50
C THR A 122 17.79 -14.57 1.86
N VAL A 123 17.89 -13.44 2.55
CA VAL A 123 17.34 -12.18 2.05
C VAL A 123 17.92 -11.90 0.67
N GLN A 124 19.20 -12.19 0.51
CA GLN A 124 19.90 -11.96 -0.75
C GLN A 124 19.38 -12.83 -1.90
N GLU A 125 19.03 -14.08 -1.60
CA GLU A 125 18.50 -15.00 -2.60
C GLU A 125 17.09 -14.61 -3.01
N LEU A 126 16.35 -14.01 -2.07
CA LEU A 126 14.97 -13.57 -2.29
C LEU A 126 14.91 -12.29 -3.13
N LEU A 127 15.94 -11.45 -2.99
CA LEU A 127 16.03 -10.18 -3.70
C LEU A 127 17.45 -10.04 -4.28
N PRO A 128 17.75 -10.74 -5.40
CA PRO A 128 19.07 -10.69 -6.04
C PRO A 128 19.36 -9.41 -6.81
N SER A 129 20.64 -9.00 -6.79
CA SER A 129 21.08 -7.79 -7.47
C SER A 129 20.17 -6.65 -7.02
N SER A 130 20.00 -6.56 -5.70
CA SER A 130 19.12 -5.58 -5.07
C SER A 130 19.61 -4.14 -4.98
N PHE A 131 18.64 -3.25 -4.83
CA PHE A 131 18.91 -1.83 -4.67
C PHE A 131 19.09 -1.68 -3.16
N GLY A 132 20.06 -0.88 -2.73
CA GLY A 132 20.26 -0.74 -1.30
C GLY A 132 20.74 0.63 -0.84
N PRO A 133 20.98 0.78 0.47
CA PRO A 133 21.45 2.05 1.02
C PRO A 133 22.76 2.55 0.41
N GLU A 134 23.65 1.62 0.07
CA GLU A 134 24.93 2.01 -0.51
C GLU A 134 24.75 2.90 -1.73
N ASP A 135 23.75 2.60 -2.56
CA ASP A 135 23.49 3.40 -3.75
C ASP A 135 23.06 4.82 -3.36
N LEU A 136 22.88 5.05 -2.06
CA LEU A 136 22.46 6.35 -1.54
C LEU A 136 21.10 6.78 -2.08
N GLU B 7 -19.94 25.20 -16.48
CA GLU B 7 -20.45 23.80 -16.34
C GLU B 7 -19.60 22.80 -17.07
N CYS B 8 -18.28 22.95 -16.97
CA CYS B 8 -17.31 22.05 -17.62
C CYS B 8 -16.98 20.91 -16.67
N VAL B 9 -17.53 20.99 -15.47
CA VAL B 9 -17.35 19.97 -14.47
C VAL B 9 -17.85 18.67 -15.10
N GLN B 10 -18.92 18.82 -15.89
CA GLN B 10 -19.55 17.72 -16.61
C GLN B 10 -18.50 16.95 -17.40
N GLN B 11 -17.67 17.70 -18.12
CA GLN B 11 -16.62 17.10 -18.92
C GLN B 11 -15.75 16.20 -18.06
N LEU B 12 -15.26 16.72 -16.93
CA LEU B 12 -14.43 15.91 -16.04
C LEU B 12 -15.11 14.64 -15.56
N LEU B 13 -16.33 14.79 -15.04
CA LEU B 13 -17.10 13.66 -14.55
C LEU B 13 -17.15 12.50 -15.53
N VAL B 14 -17.48 12.78 -16.78
CA VAL B 14 -17.56 11.74 -17.79
C VAL B 14 -16.17 11.13 -17.98
N CYS B 15 -15.15 11.98 -18.01
CA CYS B 15 -13.78 11.52 -18.18
C CYS B 15 -13.33 10.60 -17.04
N SER B 16 -13.80 10.86 -15.83
CA SER B 16 -13.42 10.03 -14.69
C SER B 16 -14.16 8.72 -14.70
N GLN B 17 -15.34 8.70 -15.33
CA GLN B 17 -16.11 7.48 -15.41
C GLN B 17 -15.54 6.63 -16.54
N GLU B 18 -14.97 7.30 -17.54
CA GLU B 18 -14.34 6.59 -18.65
C GLU B 18 -13.11 5.90 -18.07
N ALA B 19 -12.30 6.69 -17.36
CA ALA B 19 -11.07 6.21 -16.73
C ALA B 19 -11.32 5.01 -15.83
N LYS B 20 -12.44 5.04 -15.12
CA LYS B 20 -12.81 3.96 -14.21
C LYS B 20 -12.87 2.62 -14.92
N GLN B 21 -13.09 2.64 -16.24
CA GLN B 21 -13.20 1.42 -17.04
C GLN B 21 -11.90 0.63 -17.18
N SER B 22 -10.76 1.32 -17.13
CA SER B 22 -9.48 0.66 -17.26
C SER B 22 -8.97 0.14 -15.91
N ALA B 23 -9.80 0.30 -14.88
CA ALA B 23 -9.45 -0.12 -13.53
C ALA B 23 -9.09 -1.60 -13.43
N TYR B 24 -7.97 -1.88 -12.79
CA TYR B 24 -7.51 -3.23 -12.56
C TYR B 24 -7.69 -3.52 -11.08
N CYS B 25 -8.89 -3.96 -10.71
CA CYS B 25 -9.19 -4.24 -9.31
C CYS B 25 -9.79 -5.64 -9.12
N PRO B 26 -9.06 -6.68 -9.51
CA PRO B 26 -9.55 -8.06 -9.38
C PRO B 26 -9.78 -8.50 -7.94
N TYR B 27 -9.12 -7.84 -6.99
CA TYR B 27 -9.24 -8.22 -5.59
C TYR B 27 -10.36 -7.56 -4.80
N SER B 28 -10.64 -6.30 -5.08
CA SER B 28 -11.70 -5.60 -4.38
C SER B 28 -12.96 -5.53 -5.23
N HIS B 29 -12.77 -5.63 -6.55
CA HIS B 29 -13.90 -5.54 -7.45
C HIS B 29 -14.53 -4.16 -7.25
N PHE B 30 -13.75 -3.26 -6.67
CA PHE B 30 -14.20 -1.91 -6.40
C PHE B 30 -13.47 -0.95 -7.34
N PRO B 31 -13.95 -0.85 -8.59
CA PRO B 31 -13.35 0.02 -9.61
C PRO B 31 -13.38 1.49 -9.21
N VAL B 32 -12.34 2.22 -9.59
CA VAL B 32 -12.27 3.63 -9.27
C VAL B 32 -11.55 4.36 -10.39
N GLY B 33 -12.13 5.49 -10.81
CA GLY B 33 -11.52 6.27 -11.87
C GLY B 33 -11.35 7.71 -11.44
N ALA B 34 -10.42 8.42 -12.07
CA ALA B 34 -10.17 9.81 -11.75
C ALA B 34 -9.69 10.56 -12.99
N ALA B 35 -10.10 11.80 -13.15
CA ALA B 35 -9.68 12.62 -14.29
C ALA B 35 -9.10 13.93 -13.76
N LEU B 36 -7.81 14.12 -14.01
CA LEU B 36 -7.12 15.31 -13.53
C LEU B 36 -7.04 16.42 -14.57
N LEU B 37 -7.42 17.62 -14.17
CA LEU B 37 -7.39 18.77 -15.06
C LEU B 37 -6.25 19.73 -14.74
N THR B 38 -5.38 19.98 -15.70
CA THR B 38 -4.26 20.90 -15.50
C THR B 38 -4.67 22.32 -15.89
N GLN B 39 -3.86 23.30 -15.54
CA GLN B 39 -4.17 24.68 -15.89
C GLN B 39 -4.11 24.83 -17.42
N GLU B 40 -3.20 24.10 -18.06
CA GLU B 40 -3.05 24.16 -19.51
C GLU B 40 -4.34 23.70 -20.20
N GLY B 41 -5.16 22.95 -19.47
CA GLY B 41 -6.40 22.47 -20.03
C GLY B 41 -6.38 20.99 -20.40
N ARG B 42 -5.23 20.36 -20.28
CA ARG B 42 -5.12 18.95 -20.62
C ARG B 42 -5.71 18.10 -19.50
N ILE B 43 -6.24 16.94 -19.87
CA ILE B 43 -6.85 16.05 -18.88
C ILE B 43 -6.11 14.71 -18.79
N PHE B 44 -5.79 14.31 -17.57
CA PHE B 44 -5.11 13.05 -17.33
C PHE B 44 -6.00 12.06 -16.59
N LYS B 45 -6.11 10.86 -17.12
CA LYS B 45 -6.94 9.83 -16.52
C LYS B 45 -6.14 8.81 -15.71
N GLY B 46 -6.81 8.26 -14.70
CA GLY B 46 -6.20 7.26 -13.83
C GLY B 46 -7.24 6.38 -13.17
N CYS B 47 -6.84 5.17 -12.82
CA CYS B 47 -7.71 4.20 -12.17
C CYS B 47 -6.92 3.48 -11.09
N ASN B 48 -7.60 2.72 -10.24
CA ASN B 48 -6.88 1.99 -9.21
C ASN B 48 -6.24 0.76 -9.83
N ILE B 49 -5.05 0.42 -9.37
CA ILE B 49 -4.32 -0.74 -9.88
C ILE B 49 -3.83 -1.54 -8.68
N GLU B 50 -4.53 -2.64 -8.42
CA GLU B 50 -4.23 -3.49 -7.29
C GLU B 50 -3.10 -4.47 -7.54
N ASN B 51 -2.73 -5.19 -6.49
CA ASN B 51 -1.65 -6.15 -6.56
C ASN B 51 -1.96 -7.25 -5.55
N ALA B 52 -1.56 -8.48 -5.86
CA ALA B 52 -1.81 -9.63 -4.97
C ALA B 52 -1.47 -9.22 -3.55
N CYS B 53 -0.37 -8.49 -3.40
CA CYS B 53 0.03 -7.99 -2.09
C CYS B 53 -0.66 -6.63 -1.99
N TYR B 54 -1.89 -6.64 -1.47
CA TYR B 54 -2.72 -5.44 -1.32
C TYR B 54 -1.98 -4.11 -1.16
N PRO B 55 -1.05 -4.02 -0.19
CA PRO B 55 -0.31 -2.77 0.04
C PRO B 55 0.36 -2.17 -1.20
N LEU B 56 0.78 -3.02 -2.13
CA LEU B 56 1.46 -2.53 -3.32
C LEU B 56 0.52 -1.95 -4.37
N GLY B 57 -0.77 -1.93 -4.09
CA GLY B 57 -1.71 -1.37 -5.05
C GLY B 57 -1.59 0.14 -5.12
N ILE B 58 -2.35 0.77 -6.00
CA ILE B 58 -2.33 2.22 -6.14
C ILE B 58 -3.74 2.76 -6.47
N CYS B 59 -4.03 3.95 -5.98
CA CYS B 59 -5.33 4.57 -6.20
C CYS B 59 -5.45 5.25 -7.55
N ALA B 60 -6.69 5.57 -7.91
CA ALA B 60 -6.97 6.22 -9.18
C ALA B 60 -6.41 7.64 -9.23
N GLU B 61 -6.59 8.40 -8.15
CA GLU B 61 -6.10 9.77 -8.08
C GLU B 61 -4.57 9.80 -8.24
N ARG B 62 -3.90 8.90 -7.52
CA ARG B 62 -2.45 8.80 -7.56
C ARG B 62 -1.99 8.45 -8.99
N THR B 63 -2.68 7.55 -9.67
CA THR B 63 -2.29 7.16 -11.03
C THR B 63 -2.38 8.33 -12.01
N ALA B 64 -3.37 9.20 -11.83
CA ALA B 64 -3.55 10.36 -12.70
C ALA B 64 -2.50 11.43 -12.44
N ILE B 65 -2.28 11.73 -11.16
CA ILE B 65 -1.29 12.73 -10.76
C ILE B 65 0.09 12.30 -11.21
N GLN B 66 0.41 11.02 -10.98
CA GLN B 66 1.70 10.50 -11.37
C GLN B 66 1.88 10.48 -12.89
N LYS B 67 0.80 10.23 -13.62
CA LYS B 67 0.91 10.22 -15.08
C LYS B 67 1.16 11.67 -15.54
N ALA B 68 0.42 12.60 -14.97
CA ALA B 68 0.56 14.01 -15.34
C ALA B 68 1.93 14.57 -14.97
N VAL B 69 2.40 14.26 -13.77
CA VAL B 69 3.69 14.74 -13.32
C VAL B 69 4.81 14.18 -14.19
N SER B 70 4.62 12.97 -14.69
CA SER B 70 5.63 12.34 -15.54
C SER B 70 5.62 12.96 -16.94
N GLU B 71 4.64 13.83 -17.18
CA GLU B 71 4.52 14.50 -18.47
C GLU B 71 4.92 15.97 -18.32
N GLY B 72 5.23 16.37 -17.10
CA GLY B 72 5.64 17.76 -16.87
C GLY B 72 4.55 18.68 -16.36
N TYR B 73 3.36 18.13 -16.14
CA TYR B 73 2.25 18.93 -15.64
C TYR B 73 2.19 18.79 -14.12
N LYS B 74 2.42 19.90 -13.43
CA LYS B 74 2.41 19.91 -11.97
C LYS B 74 1.50 21.00 -11.43
N ASP B 75 0.80 21.70 -12.33
CA ASP B 75 -0.12 22.77 -11.96
C ASP B 75 -1.52 22.29 -12.25
N PHE B 76 -2.21 21.82 -11.21
CA PHE B 76 -3.55 21.28 -11.37
C PHE B 76 -4.67 22.23 -11.01
N ARG B 77 -5.75 22.20 -11.80
CA ARG B 77 -6.90 23.08 -11.57
C ARG B 77 -8.02 22.33 -10.83
N ALA B 78 -8.12 21.03 -11.08
CA ALA B 78 -9.16 20.22 -10.44
C ALA B 78 -9.03 18.73 -10.75
N ILE B 79 -9.74 17.91 -9.99
CA ILE B 79 -9.73 16.47 -10.20
C ILE B 79 -11.12 15.89 -9.87
N ALA B 80 -11.52 14.88 -10.62
CA ALA B 80 -12.81 14.24 -10.41
C ALA B 80 -12.61 12.74 -10.17
N ILE B 81 -13.27 12.23 -9.13
CA ILE B 81 -13.18 10.81 -8.79
C ILE B 81 -14.51 10.11 -9.06
N ALA B 82 -14.44 8.90 -9.61
CA ALA B 82 -15.64 8.13 -9.90
C ALA B 82 -15.54 6.69 -9.41
N SER B 83 -16.65 6.16 -8.92
CA SER B 83 -16.69 4.78 -8.43
C SER B 83 -18.06 4.17 -8.75
N ASP B 84 -18.25 2.91 -8.40
CA ASP B 84 -19.53 2.24 -8.63
C ASP B 84 -20.34 2.19 -7.34
N MET B 85 -19.96 3.03 -6.39
CA MET B 85 -20.65 3.09 -5.11
C MET B 85 -21.87 3.99 -5.26
N GLN B 86 -22.98 3.64 -4.60
CA GLN B 86 -24.22 4.41 -4.71
C GLN B 86 -24.60 5.31 -3.54
N ASP B 87 -24.54 4.77 -2.32
CA ASP B 87 -24.91 5.54 -1.14
C ASP B 87 -23.86 6.47 -0.57
N ASP B 88 -22.74 6.65 -1.27
CA ASP B 88 -21.69 7.51 -0.77
C ASP B 88 -20.99 8.17 -1.96
N PHE B 89 -20.54 9.41 -1.78
CA PHE B 89 -19.79 10.07 -2.83
C PHE B 89 -18.42 9.42 -2.72
N ILE B 90 -17.68 9.33 -3.81
CA ILE B 90 -16.36 8.72 -3.71
C ILE B 90 -15.30 9.74 -3.27
N SER B 91 -14.85 9.59 -2.02
CA SER B 91 -13.85 10.48 -1.42
C SER B 91 -12.43 9.91 -1.43
N PRO B 92 -11.43 10.76 -1.71
CA PRO B 92 -10.02 10.34 -1.76
C PRO B 92 -9.52 9.92 -0.39
N CYS B 93 -8.62 8.93 -0.35
CA CYS B 93 -8.08 8.47 0.93
C CYS B 93 -6.96 9.40 1.40
N GLY B 94 -6.60 9.30 2.69
CA GLY B 94 -5.55 10.14 3.22
C GLY B 94 -4.28 10.21 2.39
N ALA B 95 -3.83 9.07 1.87
CA ALA B 95 -2.62 9.03 1.07
C ALA B 95 -2.75 9.90 -0.18
N CYS B 96 -3.85 9.72 -0.91
CA CYS B 96 -4.09 10.50 -2.12
C CYS B 96 -4.20 11.99 -1.84
N ARG B 97 -4.71 12.32 -0.67
CA ARG B 97 -4.87 13.72 -0.27
C ARG B 97 -3.48 14.33 0.01
N GLN B 98 -2.54 13.47 0.36
CA GLN B 98 -1.17 13.89 0.66
C GLN B 98 -0.36 14.10 -0.62
N VAL B 99 -0.70 13.36 -1.67
CA VAL B 99 0.01 13.51 -2.93
C VAL B 99 -0.53 14.75 -3.61
N MET B 100 -1.83 14.95 -3.50
CA MET B 100 -2.45 16.13 -4.08
C MET B 100 -1.79 17.35 -3.47
N ARG B 101 -1.71 17.36 -2.14
CA ARG B 101 -1.11 18.43 -1.37
C ARG B 101 0.30 18.76 -1.86
N GLU B 102 1.04 17.74 -2.26
CA GLU B 102 2.39 17.97 -2.73
C GLU B 102 2.41 19.00 -3.86
N PHE B 103 1.35 19.08 -4.66
CA PHE B 103 1.30 20.00 -5.80
C PHE B 103 0.25 21.10 -5.77
N GLY B 104 -0.35 21.35 -4.63
CA GLY B 104 -1.37 22.39 -4.59
C GLY B 104 -2.23 22.25 -3.36
N THR B 105 -2.73 23.37 -2.86
CA THR B 105 -3.54 23.39 -1.66
C THR B 105 -4.94 23.94 -1.88
N ASN B 106 -5.09 24.81 -2.87
CA ASN B 106 -6.37 25.43 -3.14
C ASN B 106 -7.19 24.94 -4.33
N TRP B 107 -6.87 23.78 -4.89
CA TRP B 107 -7.65 23.30 -6.03
C TRP B 107 -8.77 22.32 -5.68
N PRO B 108 -9.92 22.42 -6.37
CA PRO B 108 -11.11 21.59 -6.18
C PRO B 108 -10.99 20.10 -6.49
N VAL B 109 -11.63 19.29 -5.64
CA VAL B 109 -11.67 17.85 -5.79
C VAL B 109 -13.14 17.45 -5.91
N TYR B 110 -13.51 16.88 -7.05
CA TYR B 110 -14.90 16.48 -7.28
C TYR B 110 -15.21 15.02 -6.92
N MET B 111 -15.84 14.84 -5.77
CA MET B 111 -16.22 13.53 -5.27
C MET B 111 -17.63 13.22 -5.76
N THR B 112 -17.70 12.45 -6.84
CA THR B 112 -18.95 12.12 -7.48
C THR B 112 -19.67 10.85 -7.04
N LYS B 113 -20.86 10.70 -7.61
CA LYS B 113 -21.71 9.53 -7.41
C LYS B 113 -21.98 9.08 -8.83
N PRO B 114 -22.31 7.79 -9.02
CA PRO B 114 -22.60 7.25 -10.36
C PRO B 114 -23.57 8.08 -11.21
N ASP B 115 -24.57 8.70 -10.58
CA ASP B 115 -25.56 9.49 -11.30
C ASP B 115 -25.11 10.85 -11.81
N GLY B 116 -24.03 11.39 -11.26
CA GLY B 116 -23.57 12.70 -11.72
C GLY B 116 -23.56 13.75 -10.64
N THR B 117 -24.16 13.42 -9.50
CA THR B 117 -24.20 14.35 -8.37
C THR B 117 -22.85 14.29 -7.67
N TYR B 118 -22.49 15.35 -6.95
CA TYR B 118 -21.20 15.38 -6.29
C TYR B 118 -21.06 16.49 -5.28
N ILE B 119 -20.02 16.38 -4.45
CA ILE B 119 -19.71 17.39 -3.44
C ILE B 119 -18.29 17.82 -3.79
N VAL B 120 -17.97 19.09 -3.59
CA VAL B 120 -16.65 19.56 -3.91
C VAL B 120 -15.96 20.18 -2.70
N MET B 121 -14.67 19.89 -2.57
CA MET B 121 -13.86 20.41 -1.49
C MET B 121 -12.44 20.60 -2.01
N THR B 122 -11.72 21.57 -1.46
CA THR B 122 -10.35 21.83 -1.88
C THR B 122 -9.40 20.90 -1.14
N VAL B 123 -8.16 20.80 -1.60
CA VAL B 123 -7.19 19.95 -0.94
C VAL B 123 -7.02 20.37 0.52
N GLN B 124 -7.06 21.66 0.79
CA GLN B 124 -6.93 22.19 2.15
C GLN B 124 -8.04 21.71 3.06
N GLU B 125 -9.26 21.79 2.57
CA GLU B 125 -10.41 21.36 3.36
C GLU B 125 -10.35 19.87 3.67
N LEU B 126 -9.85 19.10 2.70
CA LEU B 126 -9.71 17.67 2.82
C LEU B 126 -8.52 17.27 3.69
N LEU B 127 -7.50 18.12 3.73
CA LEU B 127 -6.31 17.84 4.52
C LEU B 127 -5.96 19.07 5.36
N PRO B 128 -6.75 19.37 6.39
CA PRO B 128 -6.52 20.53 7.25
C PRO B 128 -5.24 20.37 8.08
N SER B 129 -4.58 21.48 8.40
CA SER B 129 -3.35 21.43 9.20
C SER B 129 -2.44 20.36 8.62
N SER B 130 -2.35 20.34 7.30
CA SER B 130 -1.55 19.36 6.58
C SER B 130 -0.05 19.39 6.80
N PHE B 131 0.57 18.23 6.62
CA PHE B 131 2.02 18.16 6.70
C PHE B 131 2.36 18.48 5.25
N GLY B 132 3.47 19.16 5.03
CA GLY B 132 3.84 19.50 3.66
C GLY B 132 5.32 19.69 3.46
N PRO B 133 5.75 19.96 2.22
CA PRO B 133 7.15 20.18 1.85
C PRO B 133 7.90 21.17 2.76
N GLU B 134 7.25 22.28 3.04
CA GLU B 134 7.83 23.33 3.86
C GLU B 134 8.30 22.94 5.25
N ASP B 135 7.78 21.84 5.79
CA ASP B 135 8.21 21.43 7.12
C ASP B 135 9.54 20.65 7.07
N LEU B 136 10.10 20.52 5.88
CA LEU B 136 11.37 19.81 5.72
C LEU B 136 12.50 20.77 5.32
ZN ZN C . 5.06 -8.08 2.31
C4 BRD D . 3.29 -12.27 3.18
N3 BRD D . 2.91 -11.15 4.06
C2 BRD D . 1.77 -10.43 4.08
N1 BRD D . 0.92 -10.17 3.03
C7 BRD D . 1.46 -10.21 1.67
C6 BRD D . 1.70 -11.64 1.25
O2 BRD D . 1.54 -9.87 5.28
C1' BRD D . -0.50 -9.82 3.31
O4' BRD D . -1.40 -10.71 2.68
C4' BRD D . -2.57 -10.00 2.27
C3' BRD D . -2.40 -8.50 2.64
C2' BRD D . -0.88 -8.41 2.83
O2' BRD D . -0.55 -7.44 3.80
O3' BRD D . -3.07 -8.24 3.86
C5' BRD D . -2.79 -10.25 0.76
O5' BRD D . -2.13 -9.29 -0.04
C5 BRD D . 2.51 -12.51 1.89
ZN ZN E . -6.10 6.94 -2.26
C4 BRD F . -10.81 6.35 -3.89
N3 BRD F . -9.66 5.88 -4.65
C2 BRD F . -9.13 4.63 -4.74
N1 BRD F . -9.21 3.62 -3.81
C7 BRD F . -9.24 3.96 -2.38
C6 BRD F . -10.53 4.62 -1.95
O2 BRD F . -8.45 4.41 -5.90
C1' BRD F . -9.13 2.23 -4.28
O4' BRD F . -10.27 1.47 -3.91
C4' BRD F . -9.89 0.11 -3.71
C3' BRD F . -8.37 0.01 -3.92
C2' BRD F . -7.92 1.46 -3.74
O2' BRD F . -6.78 1.75 -4.48
O3' BRD F . -8.12 -0.41 -5.24
C5' BRD F . -10.35 -0.30 -2.29
O5' BRD F . -9.41 0.13 -1.32
C5 BRD F . -11.17 5.65 -2.58
#